data_3AL2
#
_entry.id   3AL2
#
_cell.length_a   102.583
_cell.length_b   32.748
_cell.length_c   81.762
_cell.angle_alpha   90.00
_cell.angle_beta   109.32
_cell.angle_gamma   90.00
#
_symmetry.space_group_name_H-M   'C 1 2 1'
#
loop_
_entity.id
_entity.type
_entity.pdbx_description
1 polymer 'DNA topoisomerase 2-binding protein 1'
2 non-polymer 'SULFATE ION'
3 water water
#
_entity_poly.entity_id   1
_entity_poly.type   'polypeptide(L)'
_entity_poly.pdbx_seq_one_letter_code
;GPLGSLKKQYIFQLSSLNPQERIDYCHLIEKLGGLVIEKQCFDPTCTHIVVGHPLRNEKYLASVAAGKWVLHRSYLEACR
TAGHFVQEEDYEWGSSSILDVLTGINVQQRRLALAA(MSE)RWRKKIQQRQESGIVEGAFSGWKVILHVDQSREAGFKRL
LQSGGAKVLPGHSVPLFKEATHLFSDLNKLKPDDSGVNIAEAAAQNVYCLRTEYIADYL(MSE)QESPPHVENYCLPEAI
SFI
;
_entity_poly.pdbx_strand_id   A
#
loop_
_chem_comp.id
_chem_comp.type
_chem_comp.name
_chem_comp.formula
SO4 non-polymer 'SULFATE ION' 'O4 S -2'
#
# COMPACT_ATOMS: atom_id res chain seq x y z
N LYS A 8 -3.36 -17.17 -11.00
CA LYS A 8 -4.28 -16.84 -9.85
C LYS A 8 -3.95 -17.69 -8.62
N GLN A 9 -3.61 -17.01 -7.53
CA GLN A 9 -3.04 -17.62 -6.33
C GLN A 9 -3.78 -17.17 -5.08
N TYR A 10 -3.63 -17.94 -4.01
CA TYR A 10 -4.36 -17.65 -2.76
C TYR A 10 -3.38 -17.69 -1.59
N ILE A 11 -2.60 -16.61 -1.47
CA ILE A 11 -1.56 -16.50 -0.44
C ILE A 11 -1.98 -15.42 0.56
N PHE A 12 -2.25 -15.82 1.81
CA PHE A 12 -2.88 -14.92 2.77
C PHE A 12 -1.88 -14.45 3.80
N GLN A 13 -2.12 -13.22 4.26
CA GLN A 13 -1.59 -12.84 5.55
C GLN A 13 -2.81 -12.45 6.38
N LEU A 14 -2.66 -12.54 7.68
CA LEU A 14 -3.73 -12.22 8.63
C LEU A 14 -3.26 -11.07 9.51
N SER A 15 -4.18 -10.15 9.82
N SER A 15 -4.18 -10.15 9.83
CA SER A 15 -3.90 -9.00 10.68
CA SER A 15 -3.87 -9.02 10.70
C SER A 15 -4.99 -8.82 11.73
C SER A 15 -4.98 -8.74 11.70
N SER A 16 -4.59 -8.26 12.87
CA SER A 16 -5.53 -7.93 13.98
C SER A 16 -6.61 -8.96 14.25
N LEU A 17 -6.16 -10.19 14.41
CA LEU A 17 -6.97 -11.31 14.84
C LEU A 17 -6.25 -11.93 16.04
N ASN A 18 -6.99 -12.62 16.90
CA ASN A 18 -6.40 -13.29 18.07
C ASN A 18 -5.81 -14.65 17.68
N PRO A 19 -4.96 -15.22 18.56
CA PRO A 19 -4.26 -16.44 18.19
C PRO A 19 -5.18 -17.59 17.79
N GLN A 20 -6.29 -17.80 18.50
CA GLN A 20 -7.15 -18.93 18.16
C GLN A 20 -7.79 -18.73 16.79
N GLU A 21 -8.21 -17.50 16.51
CA GLU A 21 -8.73 -17.15 15.20
C GLU A 21 -7.70 -17.42 14.11
N ARG A 22 -6.47 -16.96 14.32
CA ARG A 22 -5.37 -17.20 13.38
C ARG A 22 -5.07 -18.67 13.11
N ILE A 23 -5.06 -19.47 14.18
CA ILE A 23 -4.87 -20.92 14.08
C ILE A 23 -5.99 -21.56 13.26
N ASP A 24 -7.22 -21.22 13.62
CA ASP A 24 -8.37 -21.78 12.93
C ASP A 24 -8.40 -21.37 11.46
N TYR A 25 -8.11 -20.10 11.19
CA TYR A 25 -8.12 -19.58 9.83
C TYR A 25 -6.96 -20.17 9.00
N CYS A 26 -5.78 -20.31 9.60
CA CYS A 26 -4.68 -20.97 8.93
C CYS A 26 -5.05 -22.40 8.52
N HIS A 27 -5.56 -23.20 9.46
CA HIS A 27 -6.04 -24.55 9.19
CA HIS A 27 -6.00 -24.55 9.17
C HIS A 27 -7.00 -24.57 8.02
N LEU A 28 -7.99 -23.70 8.06
CA LEU A 28 -9.00 -23.62 7.00
C LEU A 28 -8.39 -23.26 5.64
N ILE A 29 -7.53 -22.24 5.63
CA ILE A 29 -6.96 -21.75 4.39
C ILE A 29 -6.13 -22.86 3.73
N GLU A 30 -5.36 -23.59 4.54
CA GLU A 30 -4.53 -24.69 4.06
C GLU A 30 -5.30 -25.90 3.51
N LYS A 31 -6.38 -26.25 4.20
CA LYS A 31 -7.28 -27.32 3.77
C LYS A 31 -7.88 -27.02 2.39
N LEU A 32 -8.13 -25.74 2.11
CA LEU A 32 -8.74 -25.31 0.86
C LEU A 32 -7.71 -25.14 -0.25
N GLY A 33 -6.44 -25.30 0.09
CA GLY A 33 -5.37 -25.21 -0.90
C GLY A 33 -4.69 -23.86 -0.96
N GLY A 34 -4.94 -22.99 0.02
CA GLY A 34 -4.24 -21.72 0.06
C GLY A 34 -2.99 -21.84 0.93
N LEU A 35 -2.19 -20.78 0.95
CA LEU A 35 -1.02 -20.68 1.83
C LEU A 35 -1.20 -19.50 2.78
N VAL A 36 -0.59 -19.58 3.96
CA VAL A 36 -0.59 -18.44 4.90
C VAL A 36 0.84 -18.06 5.21
N ILE A 37 1.17 -16.80 5.00
CA ILE A 37 2.47 -16.28 5.38
C ILE A 37 2.34 -15.74 6.79
N GLU A 38 3.09 -16.37 7.70
CA GLU A 38 2.87 -16.21 9.12
C GLU A 38 3.61 -15.01 9.68
N LYS A 39 4.69 -14.64 9.03
CA LYS A 39 5.49 -13.51 9.49
C LYS A 39 4.69 -12.21 9.53
N GLN A 40 4.97 -11.42 10.57
CA GLN A 40 4.22 -10.21 10.84
C GLN A 40 4.36 -9.19 9.73
N CYS A 41 5.58 -8.99 9.22
CA CYS A 41 5.81 -7.95 8.21
CA CYS A 41 5.83 -7.96 8.21
C CYS A 41 5.07 -8.24 6.92
N PHE A 42 4.57 -7.19 6.27
CA PHE A 42 3.92 -7.31 4.96
C PHE A 42 4.86 -8.06 4.01
N ASP A 43 4.34 -9.06 3.29
CA ASP A 43 5.14 -9.81 2.33
C ASP A 43 4.49 -9.61 0.97
N PRO A 44 5.20 -8.97 0.02
CA PRO A 44 4.70 -8.74 -1.34
C PRO A 44 4.23 -9.99 -2.10
N THR A 45 4.64 -11.17 -1.66
CA THR A 45 4.13 -12.36 -2.34
C THR A 45 2.69 -12.73 -1.97
N CYS A 46 2.13 -12.14 -0.91
CA CYS A 46 0.73 -12.40 -0.57
C CYS A 46 -0.22 -11.81 -1.62
N THR A 47 -1.45 -12.34 -1.67
CA THR A 47 -2.46 -11.90 -2.60
C THR A 47 -3.69 -11.35 -1.86
N HIS A 48 -3.92 -11.87 -0.65
CA HIS A 48 -5.10 -11.58 0.18
C HIS A 48 -4.64 -11.27 1.60
N ILE A 49 -5.19 -10.22 2.20
CA ILE A 49 -4.99 -10.01 3.63
C ILE A 49 -6.35 -9.96 4.28
N VAL A 50 -6.53 -10.76 5.33
CA VAL A 50 -7.76 -10.67 6.11
C VAL A 50 -7.46 -9.85 7.35
N VAL A 51 -8.26 -8.80 7.56
CA VAL A 51 -7.97 -7.83 8.61
C VAL A 51 -9.11 -7.76 9.63
N GLY A 52 -8.78 -7.94 10.91
CA GLY A 52 -9.77 -7.85 12.00
C GLY A 52 -10.30 -6.44 12.19
N HIS A 53 -9.39 -5.47 12.24
CA HIS A 53 -9.79 -4.06 12.23
C HIS A 53 -8.72 -3.17 11.62
N PRO A 54 -9.07 -2.44 10.55
CA PRO A 54 -8.13 -1.62 9.79
C PRO A 54 -7.42 -0.61 10.68
N LEU A 55 -6.10 -0.58 10.59
CA LEU A 55 -5.28 0.37 11.33
C LEU A 55 -4.30 1.02 10.37
N ARG A 56 -4.04 2.31 10.55
CA ARG A 56 -2.99 2.94 9.77
C ARG A 56 -1.62 2.52 10.32
N ASN A 57 -0.99 1.57 9.65
CA ASN A 57 0.37 1.15 9.95
C ASN A 57 1.09 0.73 8.68
N GLU A 58 2.37 0.40 8.81
CA GLU A 58 3.20 0.08 7.66
C GLU A 58 2.60 -1.08 6.88
N LYS A 59 2.10 -2.10 7.58
CA LYS A 59 1.63 -3.31 6.91
C LYS A 59 0.35 -3.05 6.11
N TYR A 60 -0.54 -2.26 6.69
CA TYR A 60 -1.77 -1.91 5.98
C TYR A 60 -1.44 -0.99 4.81
N LEU A 61 -0.62 0.03 5.02
CA LEU A 61 -0.27 0.94 3.90
C LEU A 61 0.42 0.22 2.74
N ALA A 62 1.35 -0.68 3.07
CA ALA A 62 1.98 -1.49 2.05
C ALA A 62 0.97 -2.37 1.29
N SER A 63 -0.02 -2.94 1.98
CA SER A 63 -1.01 -3.77 1.28
CA SER A 63 -1.04 -3.76 1.30
C SER A 63 -1.80 -2.95 0.25
N VAL A 64 -2.11 -1.70 0.60
CA VAL A 64 -2.83 -0.78 -0.29
C VAL A 64 -1.95 -0.35 -1.46
N ALA A 65 -0.68 -0.03 -1.19
CA ALA A 65 0.28 0.33 -2.24
C ALA A 65 0.42 -0.79 -3.28
N ALA A 66 0.33 -2.02 -2.80
CA ALA A 66 0.48 -3.20 -3.63
C ALA A 66 -0.85 -3.62 -4.24
N GLY A 67 -1.96 -3.00 -3.83
CA GLY A 67 -3.26 -3.34 -4.41
C GLY A 67 -3.79 -4.71 -4.04
N LYS A 68 -3.49 -5.17 -2.82
CA LYS A 68 -4.01 -6.47 -2.38
C LYS A 68 -5.50 -6.40 -2.07
N TRP A 69 -6.16 -7.55 -2.11
CA TRP A 69 -7.46 -7.72 -1.48
C TRP A 69 -7.31 -7.51 0.02
N VAL A 70 -8.05 -6.55 0.56
CA VAL A 70 -8.03 -6.32 1.98
C VAL A 70 -9.43 -6.66 2.46
N LEU A 71 -9.53 -7.79 3.16
CA LEU A 71 -10.84 -8.44 3.37
C LEU A 71 -11.29 -8.49 4.81
N HIS A 72 -12.61 -8.42 5.00
CA HIS A 72 -13.27 -8.68 6.27
C HIS A 72 -13.29 -10.21 6.49
N ARG A 73 -13.21 -10.63 7.75
CA ARG A 73 -13.05 -12.06 8.06
C ARG A 73 -14.27 -12.89 7.65
N SER A 74 -15.40 -12.24 7.39
CA SER A 74 -16.57 -12.95 6.87
C SER A 74 -16.25 -13.61 5.53
N TYR A 75 -15.20 -13.15 4.84
CA TYR A 75 -14.74 -13.83 3.62
C TYR A 75 -14.39 -15.29 3.92
N LEU A 76 -13.61 -15.53 4.98
CA LEU A 76 -13.16 -16.89 5.28
C LEU A 76 -14.32 -17.76 5.76
N GLU A 77 -15.27 -17.17 6.49
CA GLU A 77 -16.43 -17.95 6.90
C GLU A 77 -17.22 -18.43 5.68
N ALA A 78 -17.33 -17.58 4.67
CA ALA A 78 -17.94 -17.93 3.38
C ALA A 78 -17.18 -19.04 2.65
N CYS A 79 -15.84 -18.96 2.65
CA CYS A 79 -14.98 -20.01 2.07
C CYS A 79 -15.24 -21.35 2.77
N ARG A 80 -15.27 -21.32 4.11
CA ARG A 80 -15.54 -22.53 4.89
C ARG A 80 -16.82 -23.22 4.44
N THR A 81 -17.91 -22.46 4.40
CA THR A 81 -19.22 -22.94 3.97
C THR A 81 -19.19 -23.47 2.54
N ALA A 82 -18.59 -22.70 1.64
CA ALA A 82 -18.59 -23.07 0.24
C ALA A 82 -17.68 -24.26 -0.04
N GLY A 83 -16.65 -24.45 0.78
CA GLY A 83 -15.64 -25.48 0.53
C GLY A 83 -14.65 -25.13 -0.55
N HIS A 84 -14.52 -23.84 -0.86
CA HIS A 84 -13.55 -23.34 -1.85
C HIS A 84 -13.40 -21.84 -1.64
N PHE A 85 -12.39 -21.23 -2.24
CA PHE A 85 -12.23 -19.78 -2.14
C PHE A 85 -13.26 -19.04 -3.02
N VAL A 86 -14.11 -18.24 -2.38
CA VAL A 86 -15.17 -17.57 -3.11
C VAL A 86 -14.69 -16.24 -3.70
N GLN A 87 -15.55 -15.60 -4.48
CA GLN A 87 -15.25 -14.33 -5.13
C GLN A 87 -15.04 -13.30 -4.01
N GLU A 88 -13.99 -12.50 -4.15
CA GLU A 88 -13.54 -11.58 -3.09
C GLU A 88 -14.34 -10.28 -2.94
N GLU A 89 -14.90 -9.78 -4.04
CA GLU A 89 -15.42 -8.41 -4.08
C GLU A 89 -16.40 -8.03 -2.98
N ASP A 90 -17.33 -8.93 -2.67
CA ASP A 90 -18.35 -8.61 -1.66
C ASP A 90 -17.84 -8.69 -0.22
N TYR A 91 -16.59 -9.10 -0.02
CA TYR A 91 -16.01 -9.16 1.32
C TYR A 91 -14.91 -8.12 1.55
N GLU A 92 -14.64 -7.29 0.53
CA GLU A 92 -13.61 -6.26 0.70
C GLU A 92 -14.05 -5.29 1.76
N TRP A 93 -13.14 -4.91 2.64
CA TRP A 93 -13.44 -3.94 3.71
C TRP A 93 -14.11 -2.68 3.18
N GLY A 94 -13.65 -2.24 2.02
CA GLY A 94 -14.18 -1.05 1.39
C GLY A 94 -15.42 -1.27 0.53
N SER A 95 -15.86 -2.52 0.39
CA SER A 95 -17.06 -2.75 -0.42
C SER A 95 -18.30 -2.21 0.27
N SER A 96 -19.27 -1.84 -0.57
CA SER A 96 -20.57 -1.47 -0.09
C SER A 96 -21.15 -2.58 0.76
N SER A 97 -20.87 -3.82 0.38
CA SER A 97 -21.44 -4.94 1.10
C SER A 97 -21.04 -4.97 2.56
N ILE A 98 -19.83 -4.53 2.87
CA ILE A 98 -19.35 -4.48 4.25
C ILE A 98 -19.72 -3.14 4.90
N LEU A 99 -19.43 -2.06 4.19
CA LEU A 99 -19.62 -0.72 4.76
C LEU A 99 -21.07 -0.30 4.95
N ASP A 100 -21.99 -0.81 4.12
CA ASP A 100 -23.44 -0.53 4.29
C ASP A 100 -24.03 -1.36 5.42
N VAL A 101 -23.23 -2.26 5.98
CA VAL A 101 -23.68 -3.10 7.08
C VAL A 101 -23.02 -2.64 8.39
N LEU A 102 -21.74 -2.28 8.29
CA LEU A 102 -21.02 -1.66 9.42
C LEU A 102 -21.11 -0.13 9.35
N THR A 103 -22.33 0.39 9.34
CA THR A 103 -22.55 1.82 9.16
C THR A 103 -21.96 2.65 10.32
N GLY A 104 -21.63 1.97 11.42
CA GLY A 104 -21.15 2.59 12.65
C GLY A 104 -19.65 2.71 12.83
N ILE A 105 -18.85 2.12 11.94
CA ILE A 105 -17.40 2.20 12.12
C ILE A 105 -16.94 3.65 12.04
N ASN A 106 -15.83 3.95 12.71
CA ASN A 106 -15.35 5.32 12.77
C ASN A 106 -14.81 5.84 11.43
N VAL A 107 -14.62 7.14 11.30
CA VAL A 107 -14.25 7.72 10.02
C VAL A 107 -12.87 7.30 9.51
N GLN A 108 -11.95 7.04 10.45
CA GLN A 108 -10.60 6.59 10.08
C GLN A 108 -10.63 5.20 9.43
N GLN A 109 -11.38 4.28 10.03
CA GLN A 109 -11.45 2.94 9.49
C GLN A 109 -12.17 2.91 8.15
N ARG A 110 -13.19 3.75 8.00
CA ARG A 110 -13.93 3.86 6.74
C ARG A 110 -12.96 4.31 5.64
N ARG A 111 -12.18 5.32 5.98
CA ARG A 111 -11.18 5.85 5.06
C ARG A 111 -10.13 4.80 4.64
N LEU A 112 -9.60 4.06 5.61
CA LEU A 112 -8.64 3.01 5.33
C LEU A 112 -9.27 1.94 4.42
N ALA A 113 -10.51 1.56 4.72
CA ALA A 113 -11.26 0.55 3.96
C ALA A 113 -11.44 0.97 2.49
N LEU A 114 -11.92 2.19 2.28
CA LEU A 114 -12.16 2.69 0.93
C LEU A 114 -10.85 2.79 0.12
N ALA A 115 -9.78 3.28 0.76
CA ALA A 115 -8.50 3.45 0.11
C ALA A 115 -8.01 2.08 -0.36
N ALA A 116 -8.16 1.05 0.47
CA ALA A 116 -7.74 -0.31 0.09
C ALA A 116 -8.54 -0.84 -1.11
N MSE A 117 -9.85 -0.66 -1.09
CA MSE A 117 -10.68 -1.12 -2.20
CA MSE A 117 -10.66 -1.11 -2.21
C MSE A 117 -10.34 -0.32 -3.48
O MSE A 117 -10.17 -0.92 -4.53
CB MSE A 117 -12.16 -1.03 -1.84
CB MSE A 117 -12.15 -1.04 -1.91
CG MSE A 117 -13.15 -1.44 -2.94
CG MSE A 117 -12.99 -1.54 -3.08
SE MSE A 117 -13.49 0.03 -4.15
SE MSE A 117 -14.87 -1.11 -2.96
CE MSE A 117 -14.45 1.19 -2.92
CE MSE A 117 -14.75 0.85 -2.94
N ARG A 118 -10.23 1.01 -3.37
CA ARG A 118 -9.94 1.89 -4.51
CA ARG A 118 -9.99 1.81 -4.55
C ARG A 118 -8.65 1.52 -5.23
N TRP A 119 -7.59 1.30 -4.45
CA TRP A 119 -6.31 0.95 -5.04
C TRP A 119 -6.28 -0.47 -5.57
N ARG A 120 -6.98 -1.39 -4.91
CA ARG A 120 -7.09 -2.77 -5.41
C ARG A 120 -7.72 -2.72 -6.81
N LYS A 121 -8.80 -1.97 -6.97
CA LYS A 121 -9.54 -1.86 -8.24
C LYS A 121 -8.71 -1.16 -9.32
N LYS A 122 -8.11 -0.03 -8.96
CA LYS A 122 -7.24 0.74 -9.85
C LYS A 122 -6.04 -0.09 -10.34
N ILE A 123 -5.35 -0.78 -9.44
CA ILE A 123 -4.17 -1.59 -9.79
CA ILE A 123 -4.17 -1.56 -9.81
C ILE A 123 -4.59 -2.77 -10.66
N GLN A 124 -5.70 -3.41 -10.30
CA GLN A 124 -6.25 -4.48 -11.12
C GLN A 124 -6.61 -4.03 -12.53
N GLN A 125 -7.30 -2.90 -12.64
CA GLN A 125 -7.62 -2.33 -13.95
C GLN A 125 -6.35 -2.06 -14.78
N ARG A 126 -5.30 -1.55 -14.14
CA ARG A 126 -4.03 -1.28 -14.83
C ARG A 126 -3.29 -2.57 -15.18
N GLN A 127 -3.35 -3.55 -14.28
CA GLN A 127 -2.73 -4.86 -14.54
C GLN A 127 -3.40 -5.58 -15.69
N GLU A 128 -4.72 -5.47 -15.75
CA GLU A 128 -5.49 -5.92 -16.92
C GLU A 128 -5.05 -5.25 -18.23
N SER A 129 -4.19 -4.25 -18.10
CA SER A 129 -3.57 -3.58 -19.26
CA SER A 129 -3.58 -3.53 -19.22
C SER A 129 -2.04 -3.71 -19.25
N GLY A 130 -1.54 -4.73 -18.57
CA GLY A 130 -0.11 -5.02 -18.54
C GLY A 130 0.84 -4.05 -17.83
N ILE A 131 0.30 -3.16 -16.98
CA ILE A 131 1.17 -2.37 -16.09
C ILE A 131 1.42 -3.20 -14.86
N VAL A 132 2.69 -3.40 -14.54
CA VAL A 132 3.10 -4.19 -13.39
C VAL A 132 2.91 -3.41 -12.09
N GLU A 133 3.09 -4.13 -10.98
CA GLU A 133 3.28 -3.50 -9.68
C GLU A 133 2.10 -2.60 -9.34
N GLY A 134 2.29 -1.73 -8.36
CA GLY A 134 1.18 -1.03 -7.71
C GLY A 134 1.15 0.48 -7.81
N ALA A 135 0.80 1.13 -6.71
CA ALA A 135 0.55 2.56 -6.69
C ALA A 135 1.73 3.40 -7.14
N PHE A 136 2.95 2.93 -6.87
CA PHE A 136 4.15 3.69 -7.18
C PHE A 136 4.88 3.11 -8.39
N SER A 137 4.15 2.39 -9.26
CA SER A 137 4.77 1.73 -10.41
C SER A 137 5.42 2.78 -11.30
N GLY A 138 6.68 2.54 -11.67
CA GLY A 138 7.46 3.49 -12.48
C GLY A 138 8.13 4.64 -11.72
N TRP A 139 7.85 4.81 -10.44
CA TRP A 139 8.56 5.81 -9.64
C TRP A 139 10.01 5.38 -9.42
N LYS A 140 10.93 6.35 -9.53
CA LYS A 140 12.34 6.13 -9.23
C LYS A 140 12.70 7.21 -8.22
N VAL A 141 12.93 6.77 -6.98
CA VAL A 141 12.82 7.66 -5.82
C VAL A 141 14.17 7.89 -5.15
N ILE A 142 14.47 9.14 -4.84
CA ILE A 142 15.58 9.49 -3.97
C ILE A 142 14.97 9.80 -2.61
N LEU A 143 15.46 9.13 -1.58
CA LEU A 143 14.93 9.33 -0.23
C LEU A 143 15.95 10.07 0.61
N HIS A 144 15.53 11.15 1.26
CA HIS A 144 16.42 11.90 2.17
C HIS A 144 15.66 12.14 3.46
N VAL A 145 15.63 11.11 4.32
CA VAL A 145 14.86 11.16 5.55
C VAL A 145 15.75 10.74 6.73
N ASP A 146 15.22 10.88 7.94
CA ASP A 146 15.95 10.48 9.14
C ASP A 146 16.20 8.97 9.15
N GLN A 147 17.41 8.56 9.54
CA GLN A 147 17.85 7.16 9.62
C GLN A 147 16.83 6.25 10.32
N SER A 148 16.13 6.81 11.32
CA SER A 148 15.06 6.10 12.01
CA SER A 148 15.07 6.08 12.00
C SER A 148 13.84 5.76 11.14
N ARG A 149 13.58 6.56 10.11
CA ARG A 149 12.38 6.41 9.27
C ARG A 149 12.68 5.79 7.90
N GLU A 150 13.95 5.69 7.60
CA GLU A 150 14.44 5.33 6.27
C GLU A 150 13.98 3.96 5.80
N ALA A 151 14.21 2.93 6.62
CA ALA A 151 13.86 1.57 6.23
C ALA A 151 12.38 1.39 5.94
N GLY A 152 11.54 2.00 6.78
CA GLY A 152 10.09 1.93 6.64
C GLY A 152 9.60 2.62 5.38
N PHE A 153 10.08 3.83 5.12
CA PHE A 153 9.76 4.49 3.85
C PHE A 153 10.21 3.66 2.66
N LYS A 154 11.43 3.11 2.70
CA LYS A 154 11.91 2.29 1.57
C LYS A 154 11.01 1.08 1.30
N ARG A 155 10.65 0.37 2.37
CA ARG A 155 9.78 -0.80 2.27
C ARG A 155 8.39 -0.49 1.73
N LEU A 156 7.78 0.59 2.21
CA LEU A 156 6.49 1.04 1.66
C LEU A 156 6.58 1.39 0.17
N LEU A 157 7.56 2.23 -0.20
CA LEU A 157 7.74 2.58 -1.62
C LEU A 157 7.94 1.34 -2.48
N GLN A 158 8.83 0.43 -2.05
CA GLN A 158 9.08 -0.80 -2.79
C GLN A 158 7.84 -1.69 -2.91
N SER A 159 7.01 -1.70 -1.88
CA SER A 159 5.78 -2.50 -1.91
CA SER A 159 5.77 -2.49 -1.91
C SER A 159 4.78 -2.00 -2.96
N GLY A 160 4.86 -0.70 -3.26
CA GLY A 160 4.04 -0.15 -4.35
C GLY A 160 4.71 -0.18 -5.72
N GLY A 161 5.89 -0.78 -5.80
CA GLY A 161 6.58 -0.94 -7.09
C GLY A 161 7.58 0.15 -7.43
N ALA A 162 7.91 1.00 -6.47
CA ALA A 162 8.91 2.05 -6.70
C ALA A 162 10.30 1.41 -6.64
N LYS A 163 11.23 1.94 -7.44
CA LYS A 163 12.65 1.71 -7.23
CA LYS A 163 12.65 1.71 -7.23
C LYS A 163 13.19 2.82 -6.33
N VAL A 164 13.94 2.45 -5.30
CA VAL A 164 14.55 3.46 -4.44
C VAL A 164 16.04 3.54 -4.78
N LEU A 165 16.50 4.72 -5.16
CA LEU A 165 17.89 4.88 -5.60
C LEU A 165 18.88 4.93 -4.42
N PRO A 166 20.14 4.55 -4.66
CA PRO A 166 21.11 4.60 -3.55
C PRO A 166 21.62 6.02 -3.25
N GLY A 167 21.23 6.60 -2.11
CA GLY A 167 21.74 7.91 -1.75
C GLY A 167 21.04 9.08 -2.44
N HIS A 168 21.75 10.20 -2.57
CA HIS A 168 21.11 11.46 -2.96
C HIS A 168 22.06 12.43 -3.67
N SER A 169 23.11 11.90 -4.27
CA SER A 169 24.07 12.69 -5.02
CA SER A 169 24.06 12.72 -4.99
C SER A 169 23.45 13.28 -6.28
N VAL A 170 23.98 14.42 -6.71
CA VAL A 170 23.49 15.16 -7.87
C VAL A 170 23.36 14.32 -9.15
N PRO A 171 24.33 13.43 -9.45
CA PRO A 171 24.21 12.61 -10.64
C PRO A 171 22.97 11.72 -10.68
N LEU A 172 22.41 11.39 -9.51
CA LEU A 172 21.18 10.59 -9.44
C LEU A 172 19.94 11.36 -9.88
N PHE A 173 20.00 12.69 -9.90
CA PHE A 173 18.83 13.48 -10.27
C PHE A 173 18.31 13.17 -11.66
N LYS A 174 19.21 12.87 -12.58
CA LYS A 174 18.82 12.54 -13.94
C LYS A 174 18.13 11.18 -14.04
N GLU A 175 18.24 10.34 -13.00
CA GLU A 175 17.57 9.04 -12.95
C GLU A 175 16.24 9.06 -12.18
N ALA A 176 16.00 10.11 -11.40
CA ALA A 176 14.91 10.12 -10.43
C ALA A 176 13.63 10.72 -11.01
N THR A 177 12.48 10.22 -10.57
CA THR A 177 11.21 10.88 -10.84
C THR A 177 10.81 11.73 -9.64
N HIS A 178 11.22 11.30 -8.45
CA HIS A 178 10.76 11.86 -7.19
C HIS A 178 11.91 11.95 -6.20
N LEU A 179 11.89 12.99 -5.38
CA LEU A 179 12.78 13.10 -4.25
C LEU A 179 11.91 13.46 -3.04
N PHE A 180 11.95 12.63 -2.01
CA PHE A 180 11.16 12.93 -0.82
C PHE A 180 12.11 13.29 0.29
N SER A 181 11.77 14.35 1.01
CA SER A 181 12.62 14.75 2.12
C SER A 181 11.82 15.07 3.35
N ASP A 182 12.40 14.70 4.48
CA ASP A 182 12.00 15.17 5.79
C ASP A 182 12.29 16.65 5.82
N LEU A 183 11.40 17.43 6.40
CA LEU A 183 11.69 18.85 6.52
C LEU A 183 12.81 19.12 7.53
N GLY A 192 24.46 16.77 2.88
CA GLY A 192 23.07 17.17 2.65
C GLY A 192 22.67 16.95 1.21
N VAL A 193 21.56 17.57 0.81
CA VAL A 193 21.00 17.33 -0.53
C VAL A 193 20.62 18.63 -1.24
N ASN A 194 20.97 18.71 -2.51
CA ASN A 194 20.75 19.93 -3.28
C ASN A 194 19.36 19.92 -3.93
N ILE A 195 18.37 20.30 -3.15
CA ILE A 195 16.96 20.29 -3.60
C ILE A 195 16.71 21.20 -4.80
N ALA A 196 17.29 22.41 -4.75
CA ALA A 196 17.15 23.35 -5.86
C ALA A 196 17.64 22.74 -7.17
N GLU A 197 18.75 22.00 -7.12
CA GLU A 197 19.29 21.45 -8.36
C GLU A 197 18.40 20.29 -8.85
N ALA A 198 17.86 19.50 -7.91
CA ALA A 198 17.00 18.39 -8.30
C ALA A 198 15.75 18.94 -8.96
N ALA A 199 15.21 20.02 -8.40
CA ALA A 199 14.02 20.67 -8.94
C ALA A 199 14.31 21.24 -10.32
N ALA A 200 15.49 21.85 -10.48
CA ALA A 200 15.91 22.34 -11.80
C ALA A 200 15.99 21.22 -12.83
N GLN A 201 16.30 20.02 -12.36
CA GLN A 201 16.39 18.86 -13.25
C GLN A 201 15.05 18.11 -13.34
N ASN A 202 13.98 18.81 -12.98
CA ASN A 202 12.59 18.36 -13.17
C ASN A 202 12.15 17.13 -12.36
N VAL A 203 12.81 16.94 -11.24
CA VAL A 203 12.43 15.88 -10.30
C VAL A 203 11.27 16.45 -9.45
N TYR A 204 10.27 15.64 -9.12
CA TYR A 204 9.25 16.05 -8.13
C TYR A 204 9.83 15.98 -6.71
N CYS A 205 10.02 17.16 -6.11
CA CYS A 205 10.72 17.30 -4.85
C CYS A 205 9.69 17.58 -3.75
N LEU A 206 9.37 16.58 -2.93
CA LEU A 206 8.14 16.63 -2.14
C LEU A 206 8.38 16.25 -0.69
N ARG A 207 7.51 16.74 0.19
CA ARG A 207 7.48 16.34 1.58
C ARG A 207 7.02 14.89 1.65
N THR A 208 7.48 14.17 2.66
CA THR A 208 7.25 12.73 2.76
C THR A 208 5.78 12.40 2.93
N GLU A 209 4.99 13.33 3.47
CA GLU A 209 3.54 13.12 3.67
C GLU A 209 2.81 12.76 2.37
N TYR A 210 3.32 13.24 1.25
CA TYR A 210 2.80 12.84 -0.07
C TYR A 210 2.62 11.33 -0.26
N ILE A 211 3.58 10.54 0.22
CA ILE A 211 3.59 9.10 0.00
C ILE A 211 2.32 8.43 0.56
N ALA A 212 2.09 8.59 1.85
CA ALA A 212 0.86 8.07 2.48
C ALA A 212 -0.38 8.74 1.96
N ASP A 213 -0.33 10.05 1.67
CA ASP A 213 -1.52 10.75 1.18
C ASP A 213 -1.93 10.27 -0.21
N TYR A 214 -0.97 9.87 -1.04
CA TYR A 214 -1.24 9.27 -2.34
C TYR A 214 -2.04 7.97 -2.17
N LEU A 215 -1.73 7.20 -1.15
CA LEU A 215 -2.45 5.96 -0.88
C LEU A 215 -3.84 6.20 -0.29
N MSE A 216 -3.96 7.16 0.61
CA MSE A 216 -5.15 7.37 1.45
CA MSE A 216 -5.20 7.29 1.37
C MSE A 216 -6.26 8.22 0.82
O MSE A 216 -7.44 8.06 1.12
CB MSE A 216 -4.74 8.00 2.80
CB MSE A 216 -4.88 7.64 2.81
CG MSE A 216 -3.90 7.11 3.69
CG MSE A 216 -4.01 6.60 3.46
SE MSE A 216 -4.84 5.49 4.27
SE MSE A 216 -3.74 7.28 5.22
CE MSE A 216 -6.54 6.31 4.80
CE MSE A 216 -2.95 9.01 4.71
N GLN A 217 -5.88 9.18 -0.02
CA GLN A 217 -6.83 10.19 -0.50
C GLN A 217 -7.64 9.70 -1.69
N GLU A 218 -8.94 9.99 -1.69
CA GLU A 218 -9.78 9.63 -2.84
C GLU A 218 -9.26 10.25 -4.14
N SER A 219 -8.89 11.52 -4.06
CA SER A 219 -8.31 12.24 -5.17
C SER A 219 -6.85 12.54 -4.82
N PRO A 220 -5.94 12.24 -5.75
CA PRO A 220 -4.49 12.29 -5.51
C PRO A 220 -4.05 13.64 -4.93
N PRO A 221 -3.08 13.64 -4.01
CA PRO A 221 -2.53 14.90 -3.53
C PRO A 221 -1.85 15.67 -4.66
N HIS A 222 -1.95 17.00 -4.64
CA HIS A 222 -1.40 17.77 -5.74
C HIS A 222 0.04 18.13 -5.41
N VAL A 223 0.95 17.96 -6.37
CA VAL A 223 2.37 18.27 -6.11
C VAL A 223 2.65 19.71 -5.59
N GLU A 224 1.88 20.69 -6.02
CA GLU A 224 2.14 22.06 -5.56
C GLU A 224 2.05 22.16 -4.02
N ASN A 225 1.12 21.43 -3.42
CA ASN A 225 0.89 21.57 -1.97
C ASN A 225 1.95 20.85 -1.15
N TYR A 226 2.65 19.92 -1.78
CA TYR A 226 3.62 19.09 -1.11
C TYR A 226 5.05 19.45 -1.46
N CYS A 227 5.18 20.38 -2.39
CA CYS A 227 6.49 20.78 -2.88
CA CYS A 227 6.49 20.81 -2.87
C CYS A 227 7.37 21.31 -1.74
N LEU A 228 8.62 20.86 -1.70
CA LEU A 228 9.61 21.34 -0.75
C LEU A 228 9.97 22.80 -1.04
N PRO A 229 10.34 23.56 0.00
CA PRO A 229 10.54 25.01 -0.17
C PRO A 229 11.43 25.42 -1.36
N GLU A 230 12.60 24.80 -1.51
CA GLU A 230 13.53 25.14 -2.59
C GLU A 230 13.06 24.77 -4.00
N ALA A 231 11.99 23.97 -4.10
CA ALA A 231 11.49 23.48 -5.37
C ALA A 231 10.22 24.21 -5.87
N ILE A 232 9.61 25.02 -5.01
CA ILE A 232 8.37 25.70 -5.38
C ILE A 232 8.47 26.56 -6.65
N SER A 233 9.54 27.33 -6.82
CA SER A 233 9.63 28.15 -8.02
C SER A 233 9.76 27.35 -9.33
N PHE A 234 10.13 26.07 -9.22
CA PHE A 234 10.33 25.20 -10.38
C PHE A 234 9.09 24.41 -10.84
N ILE A 235 8.01 24.50 -10.05
CA ILE A 235 6.73 23.92 -10.43
C ILE A 235 6.20 24.56 -11.71
S SO4 B . -0.68 -8.00 12.90
O1 SO4 B . -0.73 -9.39 12.49
O2 SO4 B . -1.97 -7.62 13.45
O3 SO4 B . 0.38 -7.89 13.91
O4 SO4 B . -0.29 -7.12 11.81
S SO4 C . 12.85 -0.82 10.98
O1 SO4 C . 12.17 -1.86 11.76
O2 SO4 C . 11.85 0.14 10.54
O3 SO4 C . 13.88 -0.14 11.76
O4 SO4 C . 13.52 -1.45 9.85
#